data_5HX5
#
_entry.id   5HX5
#
_cell.length_a   35.940
_cell.length_b   50.900
_cell.length_c   100.860
_cell.angle_alpha   90.00
_cell.angle_beta   90.75
_cell.angle_gamma   90.00
#
_symmetry.space_group_name_H-M   'P 1 21 1'
#
loop_
_entity.id
_entity.type
_entity.pdbx_description
1 polymer 'DNA dC->dU-editing enzyme APOBEC-3F'
2 non-polymer 'ZINC ION'
3 water water
#
_entity_poly.entity_id   1
_entity_poly.type   'polypeptide(L)'
_entity_poly.pdbx_seq_one_letter_code
;GPLGSPGIPGKEILRNPMEAMDPHIFYFHFKNLRKAYGRNESWLCFTMEVVKHHSPVSWKRGVFRNQVDPETGRHAERCF
LSWFADDILSPNTNYEVTWYTSWSPCPECAGEVAEFLARHSNVNLTIKTARLYYFDDTDYQEGLRSLSQEGASVEIMGYK
DFKYCWENFVYNDDEPFKPWDGLDYNFLDLDSKLQEILE
;
_entity_poly.pdbx_strand_id   A,B
#
loop_
_chem_comp.id
_chem_comp.type
_chem_comp.name
_chem_comp.formula
ZN non-polymer 'ZINC ION' 'Zn 2'
#
# COMPACT_ATOMS: atom_id res chain seq x y z
N ASN A 16 16.93 2.15 -9.34
CA ASN A 16 16.08 1.61 -10.40
C ASN A 16 15.51 0.24 -10.03
N PRO A 17 14.42 0.23 -9.24
CA PRO A 17 13.83 -1.05 -8.83
C PRO A 17 12.84 -1.59 -9.83
N MET A 18 12.92 -2.90 -10.11
CA MET A 18 11.99 -3.53 -11.02
C MET A 18 10.71 -3.93 -10.29
N GLU A 19 9.62 -4.04 -11.05
CA GLU A 19 8.33 -4.27 -10.42
C GLU A 19 8.21 -5.71 -9.92
N ALA A 20 8.72 -6.68 -10.68
CA ALA A 20 8.58 -8.08 -10.31
C ALA A 20 9.69 -8.89 -10.97
N MET A 21 9.87 -10.12 -10.49
CA MET A 21 10.91 -11.03 -10.97
C MET A 21 10.26 -12.26 -11.60
N ASP A 22 11.10 -13.05 -12.28
CA ASP A 22 10.64 -14.27 -12.94
C ASP A 22 10.47 -15.38 -11.90
N PRO A 23 9.41 -16.19 -12.01
CA PRO A 23 9.21 -17.27 -11.01
C PRO A 23 10.40 -18.22 -10.89
N HIS A 24 11.05 -18.55 -12.00
CA HIS A 24 12.22 -19.41 -11.94
C HIS A 24 13.32 -18.77 -11.10
N ILE A 25 13.54 -17.46 -11.27
CA ILE A 25 14.51 -16.73 -10.45
C ILE A 25 14.10 -16.76 -8.98
N PHE A 26 12.81 -16.55 -8.71
CA PHE A 26 12.34 -16.56 -7.32
C PHE A 26 12.62 -17.89 -6.65
N TYR A 27 12.31 -18.99 -7.34
CA TYR A 27 12.58 -20.30 -6.74
C TYR A 27 14.07 -20.57 -6.64
N PHE A 28 14.86 -20.04 -7.58
CA PHE A 28 16.30 -20.31 -7.54
C PHE A 28 17.00 -19.54 -6.43
N HIS A 29 16.46 -18.39 -6.03
CA HIS A 29 17.17 -17.54 -5.06
C HIS A 29 16.55 -17.49 -3.68
N PHE A 30 15.26 -17.77 -3.52
CA PHE A 30 14.61 -17.66 -2.22
C PHE A 30 14.46 -19.00 -1.53
N LYS A 31 14.97 -20.08 -2.11
CA LYS A 31 15.01 -21.35 -1.41
C LYS A 31 15.86 -21.24 -0.14
N ASN A 32 15.31 -21.70 0.98
CA ASN A 32 16.05 -21.75 2.23
C ASN A 32 16.68 -23.12 2.46
N LEU A 33 17.04 -23.81 1.39
CA LEU A 33 17.66 -25.12 1.46
C LEU A 33 19.18 -24.98 1.58
N ARG A 34 19.90 -26.08 1.41
CA ARG A 34 21.36 -26.06 1.54
C ARG A 34 22.04 -25.61 0.25
N LYS A 35 21.61 -26.17 -0.89
CA LYS A 35 22.19 -25.80 -2.17
C LYS A 35 22.15 -24.29 -2.40
N ALA A 36 21.07 -23.63 -1.98
CA ALA A 36 20.88 -22.21 -2.23
C ALA A 36 21.87 -21.35 -1.45
N TYR A 37 22.73 -21.96 -0.64
CA TYR A 37 23.81 -21.23 -0.01
C TYR A 37 24.97 -20.97 -0.96
N GLY A 38 25.03 -21.66 -2.10
CA GLY A 38 26.01 -21.32 -3.11
C GLY A 38 25.62 -20.14 -3.98
N ARG A 39 24.45 -19.55 -3.72
CA ARG A 39 23.96 -18.45 -4.53
C ARG A 39 24.63 -17.16 -4.10
N ASN A 40 25.39 -16.55 -5.01
CA ASN A 40 26.09 -15.31 -4.69
C ASN A 40 25.14 -14.11 -4.75
N GLU A 41 24.18 -14.14 -5.66
CA GLU A 41 23.25 -13.03 -5.81
C GLU A 41 22.39 -12.86 -4.56
N SER A 42 21.92 -11.63 -4.37
CA SER A 42 21.07 -11.27 -3.24
C SER A 42 19.92 -10.42 -3.74
N TRP A 43 18.70 -10.78 -3.35
CA TRP A 43 17.50 -10.10 -3.82
C TRP A 43 16.78 -9.51 -2.62
N LEU A 44 16.03 -8.42 -2.87
CA LEU A 44 15.37 -7.67 -1.81
C LEU A 44 14.04 -7.17 -2.32
N CYS A 45 12.95 -7.78 -1.87
CA CYS A 45 11.62 -7.22 -2.09
C CYS A 45 11.32 -6.22 -0.99
N PHE A 46 10.48 -5.24 -1.30
CA PHE A 46 10.17 -4.25 -0.28
C PHE A 46 8.76 -3.74 -0.46
N THR A 47 8.13 -3.44 0.68
CA THR A 47 6.87 -2.73 0.74
C THR A 47 7.04 -1.51 1.64
N MET A 48 6.51 -0.37 1.21
CA MET A 48 6.75 0.90 1.87
C MET A 48 5.42 1.63 2.05
N GLU A 49 5.12 2.01 3.29
CA GLU A 49 3.93 2.79 3.64
C GLU A 49 4.40 4.19 4.02
N VAL A 50 4.02 5.17 3.21
CA VAL A 50 4.40 6.56 3.42
C VAL A 50 3.23 7.27 4.10
N VAL A 51 3.46 7.69 5.35
CA VAL A 51 2.45 8.32 6.20
C VAL A 51 2.89 9.73 6.54
N LYS A 52 2.27 10.73 5.92
CA LYS A 52 2.56 12.13 6.20
C LYS A 52 1.63 12.78 7.22
N HIS A 53 0.57 12.09 7.65
CA HIS A 53 -0.45 12.74 8.48
C HIS A 53 0.12 13.16 9.85
N VAL A 57 -1.15 9.72 2.42
CA VAL A 57 -0.47 8.44 2.64
C VAL A 57 -0.40 7.65 1.34
N SER A 58 0.82 7.37 0.88
CA SER A 58 1.06 6.63 -0.36
C SER A 58 1.70 5.28 -0.03
N TRP A 59 1.89 4.46 -1.07
CA TRP A 59 2.43 3.11 -0.88
C TRP A 59 3.29 2.75 -2.08
N LYS A 60 4.36 2.00 -1.83
CA LYS A 60 5.21 1.48 -2.90
C LYS A 60 5.63 0.06 -2.58
N ARG A 61 6.08 -0.64 -3.61
CA ARG A 61 6.66 -1.96 -3.43
C ARG A 61 7.46 -2.30 -4.68
N GLY A 62 8.45 -3.17 -4.52
CA GLY A 62 9.26 -3.51 -5.67
C GLY A 62 10.36 -4.48 -5.30
N VAL A 63 11.29 -4.67 -6.24
CA VAL A 63 12.36 -5.65 -6.14
C VAL A 63 13.68 -5.00 -6.52
N PHE A 64 14.70 -5.22 -5.68
CA PHE A 64 16.08 -4.87 -5.93
C PHE A 64 16.94 -6.13 -6.02
N ARG A 65 18.02 -6.04 -6.77
CA ARG A 65 19.01 -7.08 -6.86
C ARG A 65 20.40 -6.47 -6.71
N ASN A 66 21.38 -7.31 -6.46
CA ASN A 66 22.76 -6.84 -6.30
C ASN A 66 23.47 -6.78 -7.65
N ARG A 74 27.88 -3.15 -5.16
CA ARG A 74 26.78 -2.64 -4.36
C ARG A 74 25.70 -3.70 -4.12
N HIS A 75 25.54 -4.09 -2.86
CA HIS A 75 24.54 -5.09 -2.50
C HIS A 75 23.14 -4.51 -2.63
N ALA A 76 22.14 -5.38 -2.52
CA ALA A 76 20.75 -4.95 -2.73
C ALA A 76 20.30 -4.00 -1.63
N GLU A 77 20.74 -4.24 -0.39
CA GLU A 77 20.38 -3.36 0.71
C GLU A 77 20.88 -1.94 0.47
N ARG A 78 22.14 -1.80 0.05
CA ARG A 78 22.68 -0.48 -0.25
C ARG A 78 21.95 0.16 -1.42
N CYS A 79 21.54 -0.63 -2.42
CA CYS A 79 20.76 -0.09 -3.53
C CYS A 79 19.46 0.52 -3.03
N PHE A 80 18.74 -0.21 -2.16
CA PHE A 80 17.52 0.33 -1.59
C PHE A 80 17.80 1.60 -0.79
N LEU A 81 18.90 1.63 -0.04
CA LEU A 81 19.21 2.82 0.75
C LEU A 81 19.50 4.02 -0.15
N SER A 82 20.22 3.80 -1.25
CA SER A 82 20.55 4.90 -2.16
C SER A 82 19.30 5.41 -2.86
N TRP A 83 18.50 4.51 -3.42
CA TRP A 83 17.27 4.92 -4.10
C TRP A 83 16.32 5.62 -3.12
N PHE A 84 16.08 5.00 -1.97
CA PHE A 84 15.12 5.54 -1.01
C PHE A 84 15.57 6.89 -0.47
N ALA A 85 16.85 7.00 -0.12
CA ALA A 85 17.35 8.27 0.44
C ALA A 85 17.37 9.36 -0.61
N ASP A 86 17.81 9.05 -1.82
CA ASP A 86 17.97 10.07 -2.85
C ASP A 86 16.66 10.46 -3.53
N ASP A 87 15.62 9.63 -3.46
CA ASP A 87 14.42 9.84 -4.26
C ASP A 87 13.11 9.94 -3.50
N ILE A 88 13.05 9.49 -2.23
CA ILE A 88 11.79 9.37 -1.52
C ILE A 88 11.79 10.15 -0.21
N LEU A 89 12.92 10.17 0.51
CA LEU A 89 12.91 10.61 1.90
C LEU A 89 12.60 12.09 2.03
N SER A 90 11.84 12.43 3.09
CA SER A 90 11.51 13.81 3.43
C SER A 90 11.16 13.89 4.90
N PRO A 91 11.59 14.93 5.62
CA PRO A 91 11.14 15.11 7.00
C PRO A 91 9.65 15.39 7.06
N ASN A 92 9.13 15.35 8.29
CA ASN A 92 7.68 15.39 8.55
C ASN A 92 6.94 14.27 7.83
N THR A 93 7.65 13.20 7.47
CA THR A 93 7.07 12.05 6.81
C THR A 93 7.59 10.78 7.48
N ASN A 94 6.69 9.86 7.78
CA ASN A 94 7.04 8.59 8.40
C ASN A 94 6.93 7.46 7.40
N TYR A 95 7.73 6.41 7.60
CA TYR A 95 7.84 5.33 6.64
C TYR A 95 7.83 3.98 7.36
N GLU A 96 6.93 3.10 6.94
CA GLU A 96 6.89 1.71 7.41
C GLU A 96 7.38 0.82 6.27
N VAL A 97 8.62 0.34 6.39
CA VAL A 97 9.28 -0.42 5.34
C VAL A 97 9.46 -1.87 5.77
N THR A 98 9.19 -2.80 4.85
CA THR A 98 9.43 -4.22 5.04
C THR A 98 10.27 -4.76 3.90
N TRP A 99 11.37 -5.43 4.26
CA TRP A 99 12.26 -6.10 3.32
C TRP A 99 12.03 -7.60 3.35
N TYR A 100 12.06 -8.22 2.18
CA TYR A 100 12.10 -9.67 2.04
C TYR A 100 13.39 -10.00 1.29
N THR A 101 14.41 -10.45 2.01
CA THR A 101 15.74 -10.64 1.46
C THR A 101 16.05 -12.13 1.30
N SER A 102 16.72 -12.47 0.20
CA SER A 102 17.15 -13.85 0.00
C SER A 102 18.30 -14.21 0.94
N TRP A 103 19.19 -13.25 1.23
CA TRP A 103 20.26 -13.43 2.19
C TRP A 103 20.09 -12.48 3.38
N SER A 104 20.57 -12.92 4.53
CA SER A 104 20.72 -11.99 5.64
C SER A 104 21.77 -10.95 5.30
N PRO A 105 21.60 -9.71 5.75
CA PRO A 105 22.56 -8.65 5.38
C PRO A 105 23.94 -8.94 5.92
N CYS A 106 24.95 -8.60 5.12
CA CYS A 106 26.33 -8.74 5.53
C CYS A 106 26.67 -7.71 6.62
N PRO A 107 27.79 -7.89 7.33
CA PRO A 107 28.09 -6.95 8.43
C PRO A 107 28.22 -5.50 7.98
N GLU A 108 28.77 -5.25 6.79
CA GLU A 108 28.87 -3.88 6.30
C GLU A 108 27.50 -3.30 6.02
N CYS A 109 26.67 -4.03 5.26
CA CYS A 109 25.31 -3.59 5.00
C CYS A 109 24.53 -3.40 6.31
N ALA A 110 24.71 -4.32 7.26
CA ALA A 110 24.00 -4.20 8.53
C ALA A 110 24.44 -2.95 9.28
N GLY A 111 25.74 -2.64 9.25
CA GLY A 111 26.20 -1.42 9.89
C GLY A 111 25.66 -0.18 9.22
N GLU A 112 25.60 -0.17 7.89
CA GLU A 112 25.08 0.98 7.17
C GLU A 112 23.58 1.16 7.42
N VAL A 113 22.82 0.06 7.48
CA VAL A 113 21.39 0.15 7.72
C VAL A 113 21.12 0.58 9.15
N ALA A 114 21.86 0.02 10.11
CA ALA A 114 21.66 0.41 11.50
C ALA A 114 22.06 1.86 11.72
N GLU A 115 23.11 2.32 11.04
CA GLU A 115 23.49 3.72 11.08
C GLU A 115 22.40 4.60 10.49
N PHE A 116 21.87 4.21 9.34
CA PHE A 116 20.79 4.96 8.70
C PHE A 116 19.58 5.08 9.61
N LEU A 117 19.14 3.97 10.19
CA LEU A 117 18.01 3.99 11.11
C LEU A 117 18.31 4.83 12.34
N ALA A 118 19.56 4.83 12.80
CA ALA A 118 19.93 5.65 13.94
C ALA A 118 19.75 7.13 13.65
N ARG A 119 19.93 7.54 12.39
CA ARG A 119 19.82 8.93 11.98
C ARG A 119 18.47 9.28 11.37
N HIS A 120 17.51 8.33 11.34
CA HIS A 120 16.18 8.55 10.76
C HIS A 120 15.15 7.83 11.63
N SER A 121 14.73 8.49 12.71
CA SER A 121 13.75 7.90 13.61
C SER A 121 12.37 7.78 12.98
N ASN A 122 12.09 8.53 11.92
CA ASN A 122 10.81 8.45 11.22
C ASN A 122 10.70 7.22 10.32
N VAL A 123 11.71 6.36 10.30
CA VAL A 123 11.75 5.18 9.46
C VAL A 123 11.72 3.95 10.36
N ASN A 124 10.73 3.10 10.17
CA ASN A 124 10.62 1.83 10.89
C ASN A 124 10.78 0.70 9.88
N LEU A 125 11.74 -0.18 10.14
CA LEU A 125 12.14 -1.21 9.19
C LEU A 125 11.93 -2.59 9.78
N THR A 126 11.35 -3.49 9.00
CA THR A 126 11.25 -4.90 9.33
C THR A 126 11.98 -5.69 8.26
N ILE A 127 12.89 -6.58 8.68
CA ILE A 127 13.67 -7.38 7.76
C ILE A 127 13.28 -8.85 7.94
N LYS A 128 12.80 -9.46 6.88
CA LYS A 128 12.45 -10.88 6.85
C LYS A 128 13.35 -11.53 5.81
N THR A 129 14.11 -12.53 6.25
CA THR A 129 15.12 -13.15 5.40
C THR A 129 14.84 -14.64 5.20
N ALA A 130 15.20 -15.13 4.02
CA ALA A 130 15.06 -16.55 3.72
C ALA A 130 16.24 -17.36 4.25
N ARG A 131 17.44 -16.79 4.20
CA ARG A 131 18.65 -17.49 4.62
C ARG A 131 19.45 -16.60 5.58
N LEU A 132 20.17 -17.26 6.47
CA LEU A 132 21.08 -16.58 7.39
C LEU A 132 22.45 -16.44 6.72
N TYR A 133 23.50 -16.25 7.52
CA TYR A 133 24.85 -16.07 6.99
C TYR A 133 25.32 -17.31 6.25
N TYR A 134 26.33 -17.12 5.40
CA TYR A 134 26.91 -18.23 4.65
C TYR A 134 27.68 -19.16 5.58
N PHE A 135 28.52 -18.62 6.45
CA PHE A 135 29.23 -19.41 7.45
C PHE A 135 29.03 -18.78 8.82
N ASP A 136 29.55 -19.48 9.84
CA ASP A 136 29.26 -19.18 11.24
C ASP A 136 30.16 -18.08 11.77
N ASP A 137 30.11 -16.92 11.09
CA ASP A 137 30.96 -15.78 11.44
C ASP A 137 30.36 -14.93 12.56
N THR A 138 31.24 -14.42 13.41
CA THR A 138 30.82 -13.58 14.53
C THR A 138 30.32 -12.22 14.07
N ASP A 139 30.98 -11.63 13.07
CA ASP A 139 30.62 -10.27 12.65
C ASP A 139 29.28 -10.23 11.96
N TYR A 140 28.83 -11.34 11.39
CA TYR A 140 27.47 -11.40 10.87
C TYR A 140 26.45 -11.37 12.00
N GLN A 141 26.69 -12.16 13.05
CA GLN A 141 25.83 -12.13 14.21
C GLN A 141 25.78 -10.75 14.81
N GLU A 142 26.93 -10.09 14.92
CA GLU A 142 26.98 -8.74 15.47
C GLU A 142 26.29 -7.74 14.56
N GLY A 143 26.31 -7.98 13.24
CA GLY A 143 25.54 -7.14 12.35
C GLY A 143 24.04 -7.25 12.60
N LEU A 144 23.54 -8.48 12.70
CA LEU A 144 22.11 -8.66 12.98
C LEU A 144 21.73 -8.08 14.33
N ARG A 145 22.54 -8.35 15.36
CA ARG A 145 22.24 -7.82 16.68
C ARG A 145 22.25 -6.29 16.65
N SER A 146 23.22 -5.68 15.96
CA SER A 146 23.23 -4.23 15.83
C SER A 146 21.97 -3.72 15.14
N LEU A 147 21.55 -4.38 14.06
CA LEU A 147 20.29 -4.02 13.42
C LEU A 147 19.14 -4.05 14.43
N SER A 148 19.11 -5.08 15.28
CA SER A 148 18.03 -5.21 16.24
C SER A 148 18.11 -4.16 17.34
N GLN A 149 19.32 -3.76 17.73
CA GLN A 149 19.45 -2.73 18.77
C GLN A 149 18.92 -1.38 18.31
N GLU A 150 18.96 -1.11 17.00
CA GLU A 150 18.52 0.16 16.47
C GLU A 150 17.01 0.21 16.20
N GLY A 151 16.30 -0.90 16.39
CA GLY A 151 14.87 -0.92 16.19
C GLY A 151 14.39 -1.67 14.97
N ALA A 152 15.28 -2.31 14.22
CA ALA A 152 14.90 -3.11 13.08
C ALA A 152 14.51 -4.52 13.52
N SER A 153 13.40 -5.01 12.99
CA SER A 153 12.90 -6.35 13.28
C SER A 153 13.57 -7.35 12.34
N VAL A 154 14.40 -8.22 12.90
CA VAL A 154 15.14 -9.22 12.14
C VAL A 154 14.43 -10.56 12.32
N GLU A 155 13.92 -11.13 11.24
CA GLU A 155 13.07 -12.30 11.32
C GLU A 155 13.39 -13.25 10.18
N ILE A 156 12.92 -14.49 10.33
CA ILE A 156 13.05 -15.51 9.30
C ILE A 156 11.76 -15.58 8.51
N MET A 157 11.89 -15.80 7.21
CA MET A 157 10.74 -15.91 6.32
C MET A 157 10.06 -17.27 6.51
N GLY A 158 8.77 -17.25 6.82
CA GLY A 158 7.96 -18.44 6.87
C GLY A 158 7.19 -18.69 5.58
N TYR A 159 6.34 -19.72 5.62
CA TYR A 159 5.55 -20.05 4.44
C TYR A 159 4.67 -18.88 4.01
N LYS A 160 4.07 -18.17 4.98
CA LYS A 160 3.23 -17.04 4.63
C LYS A 160 4.03 -15.95 3.94
N ASP A 161 5.27 -15.73 4.36
CA ASP A 161 6.11 -14.70 3.75
C ASP A 161 6.48 -15.07 2.31
N PHE A 162 6.84 -16.33 2.09
CA PHE A 162 7.14 -16.78 0.73
C PHE A 162 5.92 -16.68 -0.17
N LYS A 163 4.75 -17.03 0.37
CA LYS A 163 3.51 -16.94 -0.42
C LYS A 163 3.20 -15.49 -0.78
N TYR A 164 3.35 -14.59 0.20
CA TYR A 164 3.12 -13.17 -0.06
C TYR A 164 4.05 -12.66 -1.14
N CYS A 165 5.34 -13.01 -1.06
CA CYS A 165 6.29 -12.59 -2.09
C CYS A 165 5.93 -13.18 -3.44
N TRP A 166 5.51 -14.44 -3.46
CA TRP A 166 5.09 -15.06 -4.70
C TRP A 166 3.89 -14.35 -5.31
N GLU A 167 3.02 -13.78 -4.47
CA GLU A 167 1.84 -13.09 -4.98
C GLU A 167 2.16 -11.69 -5.48
N ASN A 168 3.06 -10.99 -4.78
CA ASN A 168 3.23 -9.55 -4.95
C ASN A 168 4.54 -9.13 -5.60
N PHE A 169 5.48 -10.04 -5.81
CA PHE A 169 6.77 -9.67 -6.39
C PHE A 169 7.21 -10.64 -7.49
N VAL A 170 6.33 -11.53 -7.93
CA VAL A 170 6.67 -12.55 -8.90
C VAL A 170 5.59 -12.55 -9.99
N TYR A 171 6.01 -12.72 -11.24
CA TYR A 171 5.07 -12.98 -12.33
C TYR A 171 4.54 -14.39 -12.20
N ASN A 172 3.70 -14.62 -11.19
CA ASN A 172 3.22 -15.96 -10.88
C ASN A 172 2.24 -16.50 -11.91
N ASP A 173 1.76 -15.66 -12.83
CA ASP A 173 0.79 -16.07 -13.85
C ASP A 173 -0.44 -16.72 -13.22
N ASP A 174 -0.80 -16.26 -12.03
CA ASP A 174 -1.93 -16.76 -11.24
C ASP A 174 -1.78 -18.22 -10.86
N GLU A 175 -0.63 -18.82 -11.10
CA GLU A 175 -0.35 -20.16 -10.60
C GLU A 175 -0.17 -20.09 -9.08
N PRO A 176 -0.65 -21.10 -8.34
CA PRO A 176 -0.49 -21.07 -6.89
C PRO A 176 0.94 -21.36 -6.48
N PHE A 177 1.28 -20.95 -5.27
CA PHE A 177 2.64 -21.09 -4.75
C PHE A 177 2.87 -22.54 -4.33
N LYS A 178 3.85 -23.20 -4.95
CA LYS A 178 4.19 -24.56 -4.55
C LYS A 178 5.47 -24.53 -3.73
N PRO A 179 5.40 -24.67 -2.41
CA PRO A 179 6.62 -24.61 -1.58
C PRO A 179 7.52 -25.79 -1.85
N TRP A 180 8.82 -25.59 -1.64
CA TRP A 180 9.80 -26.64 -1.86
C TRP A 180 9.89 -27.57 -0.65
N ASP A 181 10.58 -28.68 -0.85
CA ASP A 181 10.63 -29.71 0.17
C ASP A 181 11.51 -29.25 1.33
N GLY A 182 11.00 -29.36 2.55
CA GLY A 182 11.76 -29.01 3.73
C GLY A 182 11.73 -27.55 4.10
N LEU A 183 10.81 -26.77 3.56
CA LEU A 183 10.76 -25.34 3.83
C LEU A 183 10.55 -25.06 5.32
N ASP A 184 9.59 -25.76 5.94
CA ASP A 184 9.19 -25.43 7.30
C ASP A 184 10.25 -25.84 8.31
N TYR A 185 10.86 -27.02 8.14
CA TYR A 185 11.94 -27.43 9.03
C TYR A 185 13.14 -26.51 8.91
N ASN A 186 13.48 -26.11 7.68
CA ASN A 186 14.54 -25.12 7.52
C ASN A 186 14.18 -23.83 8.25
N PHE A 187 12.90 -23.43 8.22
CA PHE A 187 12.48 -22.28 9.01
C PHE A 187 12.74 -22.49 10.48
N LEU A 188 12.38 -23.66 11.01
CA LEU A 188 12.52 -23.89 12.45
C LEU A 188 13.98 -23.87 12.86
N ASP A 189 14.85 -24.42 12.02
CA ASP A 189 16.28 -24.40 12.31
C ASP A 189 16.82 -22.97 12.28
N LEU A 190 16.53 -22.24 11.19
CA LEU A 190 17.03 -20.87 11.06
C LEU A 190 16.48 -19.96 12.14
N ASP A 191 15.25 -20.22 12.61
CA ASP A 191 14.64 -19.38 13.63
C ASP A 191 15.17 -19.71 15.02
N SER A 192 15.52 -20.98 15.26
CA SER A 192 16.22 -21.31 16.50
C SER A 192 17.61 -20.65 16.51
N LYS A 193 18.32 -20.70 15.38
CA LYS A 193 19.61 -20.03 15.28
C LYS A 193 19.48 -18.54 15.54
N LEU A 194 18.53 -17.88 14.87
CA LEU A 194 18.36 -16.45 15.03
C LEU A 194 17.97 -16.08 16.46
N GLN A 195 17.15 -16.91 17.10
CA GLN A 195 16.86 -16.71 18.52
C GLN A 195 18.14 -16.78 19.35
N GLU A 196 19.03 -17.70 19.00
CA GLU A 196 20.28 -17.79 19.75
C GLU A 196 21.17 -16.60 19.49
N ILE A 197 21.09 -16.02 18.29
CA ILE A 197 21.91 -14.85 17.96
C ILE A 197 21.43 -13.60 18.68
N LEU A 198 20.12 -13.38 18.70
CA LEU A 198 19.57 -12.12 19.19
C LEU A 198 19.22 -12.12 20.66
N GLU A 199 19.43 -13.22 21.38
CA GLU A 199 19.11 -13.26 22.80
C GLU A 199 20.30 -12.83 23.65
N ASN B 16 -13.80 -7.42 -7.06
CA ASN B 16 -14.37 -6.41 -6.16
C ASN B 16 -13.84 -6.58 -4.75
N PRO B 17 -12.97 -5.67 -4.30
CA PRO B 17 -12.39 -4.55 -5.04
C PRO B 17 -11.03 -4.87 -5.67
N MET B 18 -10.79 -4.38 -6.88
CA MET B 18 -9.50 -4.58 -7.54
C MET B 18 -8.48 -3.57 -7.02
N GLU B 19 -7.20 -3.93 -7.15
CA GLU B 19 -6.15 -3.11 -6.55
C GLU B 19 -5.92 -1.82 -7.33
N ALA B 20 -6.01 -1.89 -8.66
CA ALA B 20 -5.73 -0.72 -9.49
C ALA B 20 -6.45 -0.90 -10.82
N MET B 21 -6.56 0.20 -11.55
CA MET B 21 -7.29 0.25 -12.81
C MET B 21 -6.35 0.56 -13.97
N ASP B 22 -6.87 0.37 -15.18
CA ASP B 22 -6.17 0.62 -16.44
C ASP B 22 -6.16 2.12 -16.74
N PRO B 23 -5.04 2.66 -17.23
CA PRO B 23 -4.99 4.10 -17.52
C PRO B 23 -6.05 4.58 -18.51
N HIS B 24 -6.36 3.80 -19.54
CA HIS B 24 -7.43 4.21 -20.45
C HIS B 24 -8.76 4.36 -19.73
N ILE B 25 -9.05 3.45 -18.80
CA ILE B 25 -10.23 3.62 -17.96
C ILE B 25 -10.13 4.91 -17.17
N PHE B 26 -8.94 5.18 -16.61
CA PHE B 26 -8.72 6.39 -15.83
C PHE B 26 -9.05 7.64 -16.64
N TYR B 27 -8.62 7.69 -17.90
CA TYR B 27 -8.84 8.88 -18.70
C TYR B 27 -10.25 8.95 -19.24
N PHE B 28 -10.88 7.80 -19.52
CA PHE B 28 -12.25 7.84 -20.01
C PHE B 28 -13.22 8.21 -18.91
N HIS B 29 -12.89 7.93 -17.66
CA HIS B 29 -13.85 8.13 -16.58
C HIS B 29 -13.50 9.27 -15.63
N PHE B 30 -12.23 9.62 -15.48
CA PHE B 30 -11.83 10.62 -14.49
C PHE B 30 -11.49 11.98 -15.09
N LYS B 31 -11.68 12.18 -16.40
CA LYS B 31 -11.57 13.52 -16.95
C LYS B 31 -12.65 14.40 -16.35
N ASN B 32 -12.26 15.57 -15.84
CA ASN B 32 -13.25 16.50 -15.30
C ASN B 32 -13.64 17.55 -16.33
N SER B 42 -18.70 4.29 -14.35
CA SER B 42 -18.37 5.01 -13.13
C SER B 42 -17.46 4.18 -12.22
N TRP B 43 -16.37 4.80 -11.78
CA TRP B 43 -15.35 4.15 -10.99
C TRP B 43 -15.17 4.86 -9.65
N LEU B 44 -14.71 4.11 -8.66
CA LEU B 44 -14.63 4.58 -7.28
C LEU B 44 -13.34 4.07 -6.66
N CYS B 45 -12.38 4.96 -6.46
CA CYS B 45 -11.21 4.64 -5.66
C CYS B 45 -11.54 4.90 -4.19
N PHE B 46 -10.88 4.16 -3.30
CA PHE B 46 -11.14 4.37 -1.90
C PHE B 46 -9.87 4.14 -1.09
N THR B 47 -9.69 4.99 -0.07
CA THR B 47 -8.70 4.79 0.97
C THR B 47 -9.43 4.73 2.30
N MET B 48 -9.03 3.79 3.15
CA MET B 48 -9.74 3.48 4.39
C MET B 48 -8.73 3.44 5.52
N GLU B 49 -9.00 4.23 6.55
CA GLU B 49 -8.15 4.31 7.73
C GLU B 49 -8.90 3.60 8.87
N VAL B 50 -8.36 2.46 9.28
CA VAL B 50 -8.93 1.63 10.33
C VAL B 50 -8.23 1.96 11.64
N VAL B 51 -9.00 2.48 12.58
CA VAL B 51 -8.50 2.87 13.89
C VAL B 51 -9.22 1.99 14.89
N LYS B 52 -8.52 0.97 15.40
CA LYS B 52 -9.05 0.07 16.41
C LYS B 52 -8.66 0.54 17.80
N HIS B 53 -9.42 0.09 18.79
CA HIS B 53 -9.01 0.29 20.17
C HIS B 53 -7.82 -0.61 20.48
N HIS B 54 -6.82 -0.05 21.17
CA HIS B 54 -5.65 -0.80 21.60
C HIS B 54 -4.88 -1.40 20.43
N SER B 55 -4.87 -0.73 19.29
CA SER B 55 -4.24 -1.30 18.11
C SER B 55 -3.68 -0.18 17.24
N PRO B 56 -2.60 -0.44 16.51
CA PRO B 56 -2.07 0.57 15.60
C PRO B 56 -2.99 0.78 14.40
N VAL B 57 -3.02 2.01 13.92
CA VAL B 57 -3.93 2.42 12.85
C VAL B 57 -3.44 1.84 11.53
N SER B 58 -4.31 1.08 10.86
CA SER B 58 -3.96 0.46 9.59
C SER B 58 -4.75 1.12 8.47
N TRP B 59 -4.43 0.72 7.24
CA TRP B 59 -5.06 1.29 6.05
C TRP B 59 -5.44 0.17 5.09
N LYS B 60 -6.52 0.40 4.35
CA LYS B 60 -6.87 -0.39 3.18
C LYS B 60 -7.09 0.58 2.02
N ARG B 61 -7.10 0.05 0.80
CA ARG B 61 -7.34 0.86 -0.37
C ARG B 61 -7.74 -0.03 -1.53
N GLY B 62 -8.48 0.52 -2.48
CA GLY B 62 -8.85 -0.28 -3.63
C GLY B 62 -9.71 0.49 -4.60
N VAL B 63 -10.23 -0.24 -5.59
CA VAL B 63 -11.01 0.32 -6.68
C VAL B 63 -12.25 -0.54 -6.88
N PHE B 64 -13.41 0.12 -6.98
CA PHE B 64 -14.67 -0.50 -7.36
C PHE B 64 -15.13 0.10 -8.68
N ARG B 65 -15.90 -0.68 -9.44
CA ARG B 65 -16.53 -0.15 -10.64
C ARG B 65 -17.98 -0.63 -10.69
N ASN B 66 -18.76 0.02 -11.56
CA ASN B 66 -20.16 -0.35 -11.73
C ASN B 66 -20.30 -1.45 -12.78
N ARG B 74 -26.45 -2.17 -9.87
CA ARG B 74 -25.41 -2.31 -8.84
C ARG B 74 -24.25 -1.37 -9.09
N HIS B 75 -24.37 -0.14 -8.60
CA HIS B 75 -23.33 0.86 -8.78
C HIS B 75 -22.17 0.62 -7.81
N ALA B 76 -21.09 1.37 -8.00
CA ALA B 76 -19.87 1.16 -7.24
C ALA B 76 -20.05 1.52 -5.77
N GLU B 77 -20.82 2.56 -5.48
CA GLU B 77 -21.08 2.94 -4.09
C GLU B 77 -21.78 1.82 -3.33
N ARG B 78 -22.81 1.22 -3.93
CA ARG B 78 -23.49 0.09 -3.31
C ARG B 78 -22.53 -1.08 -3.12
N CYS B 79 -21.64 -1.30 -4.08
CA CYS B 79 -20.64 -2.36 -3.95
C CYS B 79 -19.74 -2.11 -2.74
N PHE B 80 -19.27 -0.87 -2.58
CA PHE B 80 -18.44 -0.56 -1.42
C PHE B 80 -19.23 -0.77 -0.13
N LEU B 81 -20.48 -0.34 -0.09
CA LEU B 81 -21.27 -0.53 1.12
C LEU B 81 -21.40 -2.01 1.46
N SER B 82 -21.61 -2.85 0.45
CA SER B 82 -21.77 -4.28 0.70
C SER B 82 -20.48 -4.92 1.18
N TRP B 83 -19.38 -4.68 0.46
CA TRP B 83 -18.10 -5.27 0.85
C TRP B 83 -17.66 -4.77 2.22
N PHE B 84 -17.75 -3.46 2.45
CA PHE B 84 -17.30 -2.89 3.71
C PHE B 84 -18.17 -3.37 4.87
N ALA B 85 -19.49 -3.38 4.68
CA ALA B 85 -20.39 -3.77 5.77
C ALA B 85 -20.27 -5.26 6.08
N ASP B 86 -20.27 -6.09 5.04
CA ASP B 86 -20.26 -7.53 5.25
C ASP B 86 -18.88 -8.10 5.57
N ASP B 87 -17.81 -7.37 5.24
CA ASP B 87 -16.46 -7.92 5.30
C ASP B 87 -15.48 -7.14 6.15
N ILE B 88 -15.76 -5.88 6.49
CA ILE B 88 -14.78 -5.01 7.14
C ILE B 88 -15.31 -4.45 8.46
N LEU B 89 -16.59 -4.07 8.51
CA LEU B 89 -17.08 -3.24 9.60
C LEU B 89 -17.12 -4.02 10.91
N SER B 90 -16.79 -3.31 12.01
CA SER B 90 -16.87 -3.84 13.36
C SER B 90 -17.01 -2.68 14.33
N PRO B 91 -17.85 -2.79 15.36
CA PRO B 91 -17.92 -1.74 16.39
C PRO B 91 -16.61 -1.65 17.18
N ASN B 92 -16.54 -0.59 17.99
CA ASN B 92 -15.31 -0.20 18.68
C ASN B 92 -14.15 0.04 17.72
N THR B 93 -14.47 0.30 16.45
CA THR B 93 -13.48 0.60 15.43
C THR B 93 -13.98 1.79 14.62
N ASN B 94 -13.12 2.77 14.41
CA ASN B 94 -13.46 3.96 13.64
C ASN B 94 -12.79 3.89 12.27
N TYR B 95 -13.43 4.52 11.29
CA TYR B 95 -13.02 4.39 9.91
C TYR B 95 -13.02 5.77 9.25
N GLU B 96 -11.88 6.12 8.64
CA GLU B 96 -11.75 7.33 7.83
C GLU B 96 -11.78 6.85 6.39
N VAL B 97 -12.92 7.05 5.73
CA VAL B 97 -13.13 6.54 4.38
C VAL B 97 -13.11 7.74 3.44
N THR B 98 -12.36 7.60 2.35
CA THR B 98 -12.33 8.62 1.31
C THR B 98 -12.60 7.95 -0.03
N TRP B 99 -13.59 8.47 -0.73
CA TRP B 99 -13.96 8.03 -2.07
C TRP B 99 -13.44 9.03 -3.08
N TYR B 100 -12.91 8.51 -4.18
CA TYR B 100 -12.59 9.30 -5.36
C TYR B 100 -13.44 8.70 -6.47
N THR B 101 -14.58 9.33 -6.77
CA THR B 101 -15.54 8.79 -7.71
C THR B 101 -15.47 9.56 -9.02
N SER B 102 -15.55 8.85 -10.13
CA SER B 102 -15.52 9.49 -11.43
C SER B 102 -16.78 10.30 -11.67
N TRP B 103 -17.93 9.81 -11.20
CA TRP B 103 -19.20 10.51 -11.27
C TRP B 103 -19.73 10.79 -9.87
N SER B 104 -20.51 11.86 -9.74
CA SER B 104 -21.25 12.11 -8.51
C SER B 104 -22.26 10.99 -8.25
N PRO B 105 -22.52 10.68 -6.98
CA PRO B 105 -23.45 9.59 -6.67
C PRO B 105 -24.87 9.89 -7.13
N CYS B 106 -25.56 8.85 -7.59
CA CYS B 106 -26.94 8.97 -7.98
C CYS B 106 -27.80 9.18 -6.73
N PRO B 107 -29.05 9.67 -6.89
CA PRO B 107 -29.88 9.94 -5.71
C PRO B 107 -30.18 8.72 -4.87
N GLU B 108 -30.40 7.56 -5.50
CA GLU B 108 -30.67 6.36 -4.73
C GLU B 108 -29.42 5.92 -3.96
N CYS B 109 -28.29 5.85 -4.66
CA CYS B 109 -27.01 5.57 -3.99
C CYS B 109 -26.75 6.54 -2.85
N ALA B 110 -27.07 7.83 -3.07
CA ALA B 110 -26.89 8.83 -2.02
C ALA B 110 -27.81 8.54 -0.84
N GLY B 111 -29.02 8.05 -1.11
CA GLY B 111 -29.90 7.67 -0.01
C GLY B 111 -29.37 6.51 0.78
N GLU B 112 -28.82 5.50 0.10
CA GLU B 112 -28.24 4.35 0.79
C GLU B 112 -27.02 4.75 1.61
N VAL B 113 -26.18 5.62 1.07
CA VAL B 113 -24.99 6.04 1.81
C VAL B 113 -25.38 6.91 2.99
N ALA B 114 -26.36 7.80 2.80
CA ALA B 114 -26.78 8.66 3.90
C ALA B 114 -27.42 7.87 5.02
N GLU B 115 -28.22 6.85 4.68
CA GLU B 115 -28.78 5.98 5.73
C GLU B 115 -27.68 5.20 6.42
N PHE B 116 -26.76 4.62 5.65
CA PHE B 116 -25.65 3.87 6.23
C PHE B 116 -24.86 4.73 7.21
N LEU B 117 -24.51 5.95 6.80
CA LEU B 117 -23.80 6.86 7.70
C LEU B 117 -24.66 7.23 8.89
N ALA B 118 -25.98 7.36 8.70
CA ALA B 118 -26.87 7.66 9.81
C ALA B 118 -26.88 6.57 10.86
N ARG B 119 -26.68 5.31 10.45
CA ARG B 119 -26.68 4.20 11.39
C ARG B 119 -25.29 3.75 11.78
N HIS B 120 -24.23 4.44 11.31
CA HIS B 120 -22.85 4.02 11.59
C HIS B 120 -22.02 5.27 11.85
N SER B 121 -22.10 5.77 13.09
CA SER B 121 -21.38 6.98 13.46
C SER B 121 -19.88 6.76 13.54
N ASN B 122 -19.45 5.51 13.69
CA ASN B 122 -18.02 5.22 13.68
C ASN B 122 -17.40 5.32 12.30
N VAL B 123 -18.18 5.66 11.29
CA VAL B 123 -17.71 5.76 9.91
C VAL B 123 -17.78 7.23 9.50
N ASN B 124 -16.64 7.78 9.10
CA ASN B 124 -16.55 9.15 8.61
C ASN B 124 -16.17 9.09 7.14
N LEU B 125 -17.00 9.70 6.29
CA LEU B 125 -16.85 9.58 4.85
C LEU B 125 -16.59 10.95 4.23
N THR B 126 -15.60 11.00 3.36
CA THR B 126 -15.35 12.14 2.49
C THR B 126 -15.48 11.68 1.05
N ILE B 127 -16.28 12.39 0.27
CA ILE B 127 -16.52 12.04 -1.13
C ILE B 127 -15.91 13.12 -2.01
N LYS B 128 -14.96 12.73 -2.86
CA LYS B 128 -14.33 13.62 -3.83
C LYS B 128 -14.68 13.12 -5.23
N THR B 129 -15.32 13.97 -6.02
CA THR B 129 -15.80 13.56 -7.32
C THR B 129 -15.10 14.39 -8.39
N ALA B 130 -14.89 13.77 -9.54
CA ALA B 130 -14.27 14.48 -10.65
C ALA B 130 -15.29 15.32 -11.39
N ARG B 131 -16.52 14.83 -11.50
CA ARG B 131 -17.59 15.51 -12.21
C ARG B 131 -18.86 15.51 -11.36
N LEU B 132 -19.67 16.56 -11.52
CA LEU B 132 -20.99 16.62 -10.89
C LEU B 132 -21.98 15.96 -11.83
N TYR B 133 -22.27 14.68 -11.56
CA TYR B 133 -23.18 13.91 -12.41
C TYR B 133 -24.56 14.56 -12.40
N TYR B 134 -24.94 15.15 -13.53
CA TYR B 134 -26.29 15.68 -13.74
C TYR B 134 -26.62 16.78 -12.72
N PHE B 135 -25.85 17.87 -12.78
CA PHE B 135 -26.17 19.01 -11.94
C PHE B 135 -27.42 19.72 -12.48
N ASP B 136 -27.98 20.59 -11.63
CA ASP B 136 -29.19 21.37 -11.89
C ASP B 136 -30.47 20.56 -11.67
N ASP B 137 -30.35 19.23 -11.60
CA ASP B 137 -31.53 18.40 -11.34
C ASP B 137 -31.79 18.38 -9.85
N THR B 138 -33.07 18.36 -9.49
CA THR B 138 -33.42 18.48 -8.07
C THR B 138 -33.01 17.25 -7.27
N ASP B 139 -33.20 16.05 -7.84
CA ASP B 139 -32.98 14.83 -7.06
C ASP B 139 -31.49 14.62 -6.76
N TYR B 140 -30.61 14.92 -7.71
CA TYR B 140 -29.18 14.81 -7.45
C TYR B 140 -28.72 15.81 -6.41
N GLN B 141 -29.19 17.06 -6.54
CA GLN B 141 -28.87 18.06 -5.53
C GLN B 141 -29.32 17.62 -4.14
N GLU B 142 -30.52 17.04 -4.04
CA GLU B 142 -31.00 16.58 -2.75
C GLU B 142 -30.21 15.38 -2.24
N GLY B 143 -29.69 14.54 -3.14
CA GLY B 143 -28.80 13.47 -2.69
C GLY B 143 -27.52 14.01 -2.08
N LEU B 144 -26.87 14.94 -2.77
CA LEU B 144 -25.66 15.55 -2.22
C LEU B 144 -25.95 16.26 -0.91
N ARG B 145 -27.05 17.02 -0.86
CA ARG B 145 -27.41 17.74 0.36
C ARG B 145 -27.65 16.79 1.51
N SER B 146 -28.34 15.67 1.27
CA SER B 146 -28.55 14.68 2.31
C SER B 146 -27.22 14.12 2.81
N LEU B 147 -26.33 13.79 1.86
CA LEU B 147 -25.00 13.32 2.22
C LEU B 147 -24.27 14.33 3.12
N SER B 148 -24.39 15.62 2.81
CA SER B 148 -23.70 16.63 3.61
C SER B 148 -24.36 16.80 4.98
N GLN B 149 -25.69 16.69 5.04
CA GLN B 149 -26.39 16.83 6.30
C GLN B 149 -26.09 15.67 7.25
N GLU B 150 -25.79 14.49 6.71
CA GLU B 150 -25.49 13.36 7.58
C GLU B 150 -24.04 13.31 8.05
N GLY B 151 -23.20 14.24 7.60
CA GLY B 151 -21.82 14.30 8.06
C GLY B 151 -20.78 13.89 7.04
N ALA B 152 -21.19 13.59 5.81
CA ALA B 152 -20.24 13.27 4.75
C ALA B 152 -19.76 14.56 4.09
N SER B 153 -18.44 14.67 3.90
CA SER B 153 -17.86 15.83 3.23
C SER B 153 -17.88 15.59 1.73
N VAL B 154 -18.67 16.36 1.01
CA VAL B 154 -18.84 16.22 -0.43
C VAL B 154 -18.03 17.32 -1.11
N GLU B 155 -17.05 16.93 -1.92
CA GLU B 155 -16.05 17.86 -2.46
C GLU B 155 -15.77 17.52 -3.91
N ILE B 156 -15.13 18.47 -4.60
CA ILE B 156 -14.71 18.30 -5.98
C ILE B 156 -13.25 17.88 -5.96
N MET B 157 -12.87 17.00 -6.89
CA MET B 157 -11.50 16.54 -7.02
C MET B 157 -10.64 17.61 -7.66
N GLY B 158 -9.56 18.02 -6.98
CA GLY B 158 -8.58 18.92 -7.54
C GLY B 158 -7.40 18.18 -8.14
N TYR B 159 -6.40 18.97 -8.57
CA TYR B 159 -5.20 18.40 -9.17
C TYR B 159 -4.48 17.46 -8.21
N LYS B 160 -4.39 17.83 -6.94
CA LYS B 160 -3.78 16.97 -5.94
C LYS B 160 -4.48 15.62 -5.88
N ASP B 161 -5.80 15.62 -6.04
CA ASP B 161 -6.55 14.37 -5.93
C ASP B 161 -6.36 13.50 -7.16
N PHE B 162 -6.36 14.12 -8.35
CA PHE B 162 -6.08 13.34 -9.57
C PHE B 162 -4.68 12.76 -9.53
N LYS B 163 -3.71 13.54 -9.05
CA LYS B 163 -2.35 13.06 -8.92
C LYS B 163 -2.27 11.89 -7.94
N TYR B 164 -2.94 12.02 -6.79
CA TYR B 164 -2.96 10.95 -5.81
C TYR B 164 -3.56 9.67 -6.39
N CYS B 165 -4.69 9.80 -7.10
CA CYS B 165 -5.31 8.62 -7.70
C CYS B 165 -4.42 7.99 -8.74
N TRP B 166 -3.76 8.81 -9.58
CA TRP B 166 -2.85 8.25 -10.57
C TRP B 166 -1.69 7.52 -9.92
N GLU B 167 -1.26 7.98 -8.73
CA GLU B 167 -0.15 7.31 -8.06
C GLU B 167 -0.59 6.03 -7.36
N ASN B 168 -1.79 6.00 -6.77
CA ASN B 168 -2.13 4.91 -5.87
C ASN B 168 -3.18 3.95 -6.41
N PHE B 169 -3.79 4.23 -7.56
CA PHE B 169 -4.88 3.36 -8.02
C PHE B 169 -4.80 2.98 -9.49
N VAL B 170 -3.69 3.23 -10.19
CA VAL B 170 -3.61 2.99 -11.63
C VAL B 170 -2.37 2.16 -11.94
N TYR B 171 -2.52 1.20 -12.85
CA TYR B 171 -1.37 0.52 -13.45
C TYR B 171 -0.66 1.51 -14.37
N ASN B 172 0.46 2.06 -13.90
CA ASN B 172 1.13 3.14 -14.59
C ASN B 172 2.56 2.84 -15.01
N ASP B 173 3.15 1.75 -14.54
CA ASP B 173 4.54 1.40 -14.87
C ASP B 173 5.49 2.54 -14.50
N ASP B 174 5.15 3.28 -13.44
CA ASP B 174 5.95 4.41 -12.96
C ASP B 174 6.07 5.52 -14.01
N GLU B 175 5.05 5.68 -14.84
CA GLU B 175 4.97 6.81 -15.75
C GLU B 175 4.26 7.95 -15.04
N PRO B 176 4.86 9.12 -14.93
CA PRO B 176 4.28 10.18 -14.10
C PRO B 176 2.95 10.69 -14.66
N PHE B 177 2.20 11.35 -13.79
CA PHE B 177 0.86 11.82 -14.12
C PHE B 177 0.96 13.03 -15.03
N LYS B 178 0.37 12.92 -16.23
CA LYS B 178 0.33 13.99 -17.19
C LYS B 178 -1.04 14.66 -17.14
N PRO B 179 -1.20 15.79 -16.47
CA PRO B 179 -2.52 16.40 -16.37
C PRO B 179 -3.01 16.97 -17.69
N TRP B 180 -4.33 16.96 -17.86
CA TRP B 180 -4.96 17.51 -19.05
C TRP B 180 -5.22 19.00 -18.89
N ASP B 181 -5.50 19.65 -20.01
CA ASP B 181 -5.66 21.09 -20.07
C ASP B 181 -7.02 21.53 -19.54
N GLY B 182 -7.02 22.55 -18.68
CA GLY B 182 -8.26 23.10 -18.14
C GLY B 182 -8.80 22.42 -16.90
N LEU B 183 -7.98 21.60 -16.23
CA LEU B 183 -8.44 20.88 -15.05
C LEU B 183 -8.83 21.84 -13.93
N ASP B 184 -8.02 22.87 -13.68
CA ASP B 184 -8.18 23.67 -12.47
C ASP B 184 -9.41 24.58 -12.55
N TYR B 185 -9.62 25.25 -13.70
CA TYR B 185 -10.80 26.09 -13.79
C TYR B 185 -12.06 25.24 -13.79
N ASN B 186 -12.01 24.05 -14.41
CA ASN B 186 -13.11 23.11 -14.28
C ASN B 186 -13.38 22.79 -12.82
N PHE B 187 -12.32 22.68 -12.00
CA PHE B 187 -12.53 22.52 -10.56
C PHE B 187 -13.28 23.72 -9.99
N LEU B 188 -12.86 24.94 -10.34
CA LEU B 188 -13.49 26.12 -9.73
C LEU B 188 -14.95 26.24 -10.14
N ASP B 189 -15.28 25.92 -11.39
CA ASP B 189 -16.67 25.93 -11.83
C ASP B 189 -17.49 24.87 -11.13
N LEU B 190 -17.00 23.63 -11.11
CA LEU B 190 -17.72 22.54 -10.46
C LEU B 190 -17.90 22.81 -8.97
N ASP B 191 -16.92 23.47 -8.36
CA ASP B 191 -16.97 23.76 -6.94
C ASP B 191 -17.87 24.95 -6.64
N SER B 192 -17.97 25.92 -7.56
CA SER B 192 -18.98 26.96 -7.41
C SER B 192 -20.39 26.38 -7.53
N LYS B 193 -20.60 25.51 -8.53
CA LYS B 193 -21.89 24.85 -8.67
C LYS B 193 -22.24 24.07 -7.41
N LEU B 194 -21.31 23.23 -6.94
CA LEU B 194 -21.55 22.46 -5.73
C LEU B 194 -21.74 23.37 -4.53
N GLN B 195 -21.04 24.51 -4.52
CA GLN B 195 -21.26 25.52 -3.49
C GLN B 195 -22.70 25.96 -3.45
N GLU B 196 -23.32 26.18 -4.62
CA GLU B 196 -24.74 26.54 -4.61
C GLU B 196 -25.63 25.35 -4.29
N ILE B 197 -25.18 24.13 -4.60
CA ILE B 197 -26.00 22.96 -4.29
C ILE B 197 -26.07 22.75 -2.79
N LEU B 198 -24.95 22.90 -2.09
CA LEU B 198 -24.88 22.58 -0.67
C LEU B 198 -25.22 23.77 0.23
N GLU B 199 -25.17 24.99 -0.30
CA GLU B 199 -25.49 26.19 0.46
C GLU B 199 -24.72 26.29 1.78
ZN ZN C . 25.81 -6.67 2.25
ZN ZN D . -25.63 5.32 -8.23
#